data_5JVP
#
_entry.id   5JVP
#
_cell.length_a   100.609
_cell.length_b   100.609
_cell.length_c   107.627
_cell.angle_alpha   90.00
_cell.angle_beta   90.00
_cell.angle_gamma   120.00
#
_symmetry.space_group_name_H-M   'P 32 2 1'
#
loop_
_entity.id
_entity.type
_entity.pdbx_description
1 polymer 'Chimera protein of Centromere-associated protein E and Microtubule-associated protein RP/EB family member 1'
2 non-polymer 'CADMIUM ION'
3 water water
#
_entity_poly.entity_id   1
_entity_poly.type   'polypeptide(L)'
_entity_poly.pdbx_seq_one_letter_code
;LSNEVSTDEALLKRYRKEI(MSE)DLKKQLEEVSLETRAQA(MSE)EKDQLEKERDFYFGKLRNIELICQENEGENDPVL
QRIVDILYATDEGFVIPD
;
_entity_poly.pdbx_strand_id   A,B,C,D,E,F
#
# COMPACT_ATOMS: atom_id res chain seq x y z
N LEU A 1 -62.88 0.56 -27.03
CA LEU A 1 -63.62 -0.68 -26.82
C LEU A 1 -63.39 -1.65 -27.97
N SER A 2 -62.96 -2.87 -27.64
CA SER A 2 -62.70 -3.88 -28.65
C SER A 2 -64.00 -4.42 -29.23
N ASN A 3 -64.00 -4.71 -30.53
CA ASN A 3 -65.14 -5.32 -31.19
C ASN A 3 -65.14 -6.83 -31.07
N GLU A 4 -64.15 -7.41 -30.40
CA GLU A 4 -64.13 -8.85 -30.18
C GLU A 4 -65.18 -9.22 -29.12
N VAL A 5 -65.94 -10.27 -29.39
CA VAL A 5 -66.90 -10.82 -28.45
C VAL A 5 -66.36 -12.19 -28.02
N SER A 6 -65.69 -12.23 -26.88
CA SER A 6 -65.11 -13.46 -26.38
C SER A 6 -66.07 -14.18 -25.46
N THR A 7 -65.89 -15.49 -25.37
CA THR A 7 -66.60 -16.27 -24.36
C THR A 7 -66.01 -16.00 -22.99
N ASP A 8 -66.82 -16.19 -21.94
CA ASP A 8 -66.33 -15.99 -20.59
C ASP A 8 -65.26 -17.01 -20.23
N GLU A 9 -65.33 -18.21 -20.81
CA GLU A 9 -64.31 -19.22 -20.54
C GLU A 9 -62.98 -18.85 -21.18
N ALA A 10 -63.01 -18.27 -22.37
CA ALA A 10 -61.76 -17.90 -23.03
C ALA A 10 -61.08 -16.74 -22.31
N LEU A 11 -61.85 -15.79 -21.78
CA LEU A 11 -61.25 -14.67 -21.07
C LEU A 11 -60.69 -15.11 -19.73
N LEU A 12 -61.39 -16.02 -19.04
CA LEU A 12 -60.85 -16.59 -17.81
C LEU A 12 -59.54 -17.33 -18.08
N LYS A 13 -59.46 -18.07 -19.18
CA LYS A 13 -58.23 -18.75 -19.54
C LYS A 13 -57.11 -17.76 -19.82
N ARG A 14 -57.44 -16.65 -20.48
CA ARG A 14 -56.43 -15.62 -20.74
C ARG A 14 -55.95 -14.98 -19.44
N TYR A 15 -56.87 -14.71 -18.51
CA TYR A 15 -56.49 -14.09 -17.25
C TYR A 15 -55.61 -15.02 -16.42
N ARG A 16 -55.93 -16.32 -16.40
CA ARG A 16 -55.11 -17.26 -15.65
C ARG A 16 -53.70 -17.33 -16.20
N LYS A 17 -53.56 -17.21 -17.53
CA LYS A 17 -52.22 -17.25 -18.13
C LYS A 17 -51.44 -15.99 -17.82
N GLU A 18 -52.10 -14.83 -17.84
CA GLU A 18 -51.43 -13.58 -17.50
C GLU A 18 -50.99 -13.58 -16.03
N ILE A 19 -51.86 -14.06 -15.15
CA ILE A 19 -51.51 -14.14 -13.73
C ILE A 19 -50.32 -15.08 -13.54
N ASP A 21 -47.97 -15.81 -15.77
CA ASP A 21 -46.76 -15.19 -16.30
C ASP A 21 -46.27 -14.06 -15.41
N LEU A 22 -47.19 -13.27 -14.85
CA LEU A 22 -46.78 -12.16 -13.98
C LEU A 22 -46.15 -12.68 -12.69
N LYS A 23 -46.71 -13.75 -12.12
CA LYS A 23 -46.13 -14.30 -10.90
C LYS A 23 -44.74 -14.86 -11.16
N LYS A 24 -44.54 -15.50 -12.31
CA LYS A 24 -43.22 -16.01 -12.67
C LYS A 24 -42.22 -14.86 -12.84
N GLN A 25 -42.64 -13.78 -13.51
CA GLN A 25 -41.75 -12.63 -13.68
C GLN A 25 -41.40 -12.01 -12.35
N LEU A 26 -42.38 -11.85 -11.46
CA LEU A 26 -42.14 -11.20 -10.18
C LEU A 26 -41.14 -11.99 -9.34
N GLU A 27 -41.23 -13.32 -9.35
CA GLU A 27 -40.30 -14.12 -8.57
C GLU A 27 -38.91 -14.10 -9.18
N GLU A 28 -38.81 -14.06 -10.51
CA GLU A 28 -37.51 -14.00 -11.16
C GLU A 28 -36.82 -12.66 -10.89
N VAL A 29 -37.56 -11.56 -10.99
CA VAL A 29 -36.97 -10.26 -10.69
C VAL A 29 -36.60 -10.15 -9.22
N SER A 30 -37.39 -10.78 -8.34
CA SER A 30 -37.08 -10.75 -6.92
C SER A 30 -35.81 -11.53 -6.61
N LEU A 31 -35.61 -12.67 -7.28
CA LEU A 31 -34.40 -13.45 -7.06
C LEU A 31 -33.18 -12.75 -7.65
N GLU A 32 -33.34 -12.10 -8.81
CA GLU A 32 -32.25 -11.32 -9.38
C GLU A 32 -31.87 -10.16 -8.46
N THR A 33 -32.86 -9.52 -7.85
CA THR A 33 -32.58 -8.42 -6.92
C THR A 33 -31.79 -8.92 -5.71
N ARG A 34 -32.11 -10.13 -5.24
CA ARG A 34 -31.36 -10.71 -4.13
C ARG A 34 -29.91 -10.98 -4.51
N ALA A 35 -29.69 -11.49 -5.73
CA ALA A 35 -28.32 -11.74 -6.19
C ALA A 35 -27.56 -10.43 -6.37
N GLN A 36 -28.22 -9.41 -6.92
N GLN A 36 -28.22 -9.41 -6.92
CA GLN A 36 -27.56 -8.12 -7.09
CA GLN A 36 -27.58 -8.11 -7.09
C GLN A 36 -27.27 -7.45 -5.75
C GLN A 36 -27.23 -7.49 -5.74
N ALA A 37 -28.08 -7.71 -4.72
CA ALA A 37 -27.82 -7.15 -3.41
C ALA A 37 -26.59 -7.78 -2.75
N GLU A 39 -23.96 -9.07 -4.46
CA GLU A 39 -22.82 -8.50 -5.16
C GLU A 39 -22.59 -7.05 -4.74
N LYS A 40 -23.65 -6.33 -4.38
CA LYS A 40 -23.49 -4.96 -3.89
C LYS A 40 -22.81 -4.94 -2.53
N ASP A 41 -23.15 -5.90 -1.65
CA ASP A 41 -22.49 -5.97 -0.36
C ASP A 41 -21.02 -6.34 -0.51
N GLN A 42 -20.71 -7.22 -1.47
CA GLN A 42 -19.30 -7.59 -1.69
C GLN A 42 -18.49 -6.39 -2.17
N LEU A 43 -19.08 -5.57 -3.04
CA LEU A 43 -18.39 -4.36 -3.50
C LEU A 43 -18.18 -3.39 -2.34
N GLU A 44 -19.14 -3.31 -1.42
CA GLU A 44 -18.99 -2.41 -0.28
C GLU A 44 -17.89 -2.89 0.67
N LYS A 45 -17.82 -4.21 0.90
CA LYS A 45 -16.75 -4.74 1.74
C LYS A 45 -15.38 -4.49 1.12
N GLU A 46 -15.28 -4.65 -0.21
CA GLU A 46 -14.02 -4.38 -0.88
C GLU A 46 -13.66 -2.91 -0.83
N ARG A 47 -14.65 -2.03 -0.97
CA ARG A 47 -14.41 -0.60 -0.82
C ARG A 47 -13.90 -0.27 0.58
N ASP A 48 -14.58 -0.77 1.60
CA ASP A 48 -14.13 -0.52 2.97
C ASP A 48 -12.79 -1.20 3.25
N PHE A 49 -12.54 -2.35 2.60
CA PHE A 49 -11.25 -3.01 2.72
C PHE A 49 -10.13 -2.12 2.20
N TYR A 50 -10.33 -1.51 1.03
CA TYR A 50 -9.32 -0.61 0.47
C TYR A 50 -9.17 0.65 1.32
N PHE A 51 -10.30 1.25 1.72
CA PHE A 51 -10.21 2.51 2.46
C PHE A 51 -9.51 2.31 3.80
N GLY A 52 -9.73 1.17 4.44
CA GLY A 52 -9.05 0.90 5.71
C GLY A 52 -7.54 0.96 5.59
N LYS A 53 -7.00 0.63 4.43
CA LYS A 53 -5.57 0.74 4.21
C LYS A 53 -5.15 2.19 3.98
N LEU A 54 -5.92 2.93 3.17
CA LEU A 54 -5.60 4.34 2.93
C LEU A 54 -5.65 5.15 4.21
N ARG A 55 -6.62 4.84 5.08
CA ARG A 55 -6.72 5.55 6.36
C ARG A 55 -5.51 5.27 7.23
N ASN A 56 -5.07 4.02 7.30
CA ASN A 56 -3.89 3.69 8.10
C ASN A 56 -2.61 4.24 7.47
N ILE A 57 -2.57 4.33 6.14
CA ILE A 57 -1.41 4.93 5.48
C ILE A 57 -1.35 6.42 5.77
N GLU A 58 -2.51 7.08 5.84
CA GLU A 58 -2.54 8.49 6.19
C GLU A 58 -2.05 8.73 7.62
N LEU A 59 -2.42 7.83 8.54
CA LEU A 59 -1.96 7.95 9.93
C LEU A 59 -0.45 7.79 10.02
N ILE A 60 0.13 6.95 9.17
CA ILE A 60 1.58 6.74 9.19
C ILE A 60 2.31 7.95 8.63
N CYS A 61 1.81 8.53 7.55
CA CYS A 61 2.41 9.74 6.99
C CYS A 61 2.18 10.96 7.87
N GLN A 62 1.13 10.95 8.69
CA GLN A 62 0.84 12.10 9.54
C GLN A 62 1.87 12.26 10.65
N GLU A 63 2.19 11.17 11.34
CA GLU A 63 3.07 11.25 12.50
C GLU A 63 4.48 11.66 12.13
N ASN A 64 4.88 11.42 10.88
CA ASN A 64 6.19 11.88 10.40
C ASN A 64 6.04 13.25 9.73
N VAL A 71 9.58 10.59 -0.43
CA VAL A 71 8.77 9.43 -0.77
C VAL A 71 7.48 9.44 0.05
N LEU A 72 7.65 9.65 1.35
CA LEU A 72 6.49 9.78 2.23
C LEU A 72 5.66 10.99 1.88
N GLN A 73 6.29 12.03 1.33
CA GLN A 73 5.58 13.27 1.03
C GLN A 73 4.53 13.05 -0.06
N ARG A 74 4.93 12.53 -1.22
CA ARG A 74 4.01 12.40 -2.33
C ARG A 74 3.03 11.24 -2.16
N ILE A 75 3.20 10.41 -1.13
CA ILE A 75 2.16 9.45 -0.78
C ILE A 75 0.93 10.19 -0.25
N VAL A 76 1.14 11.30 0.45
CA VAL A 76 0.02 12.11 0.92
C VAL A 76 -0.70 12.78 -0.25
N ASP A 77 0.07 13.28 -1.22
CA ASP A 77 -0.54 13.93 -2.38
C ASP A 77 -1.46 12.98 -3.13
N ILE A 78 -1.11 11.70 -3.19
CA ILE A 78 -1.98 10.72 -3.85
C ILE A 78 -3.26 10.52 -3.05
N LEU A 79 -3.17 10.54 -1.72
CA LEU A 79 -4.35 10.34 -0.89
C LEU A 79 -5.40 11.41 -1.15
N TYR A 80 -4.98 12.66 -1.35
CA TYR A 80 -5.89 13.78 -1.54
C TYR A 80 -5.91 14.28 -2.99
N ALA A 81 -5.41 13.48 -3.93
CA ALA A 81 -5.43 13.85 -5.33
C ALA A 81 -6.80 13.58 -5.94
N THR A 82 -7.17 14.40 -6.92
CA THR A 82 -8.38 14.17 -7.70
C THR A 82 -8.11 13.08 -8.73
N ASP A 83 -8.88 12.00 -8.67
CA ASP A 83 -8.70 10.85 -9.56
C ASP A 83 -9.99 10.64 -10.34
N GLU A 84 -10.05 11.20 -11.55
CA GLU A 84 -11.15 10.98 -12.49
C GLU A 84 -12.50 11.36 -11.88
N GLY A 85 -12.59 12.62 -11.46
CA GLY A 85 -13.84 13.18 -10.99
C GLY A 85 -14.18 12.94 -9.53
N PHE A 86 -13.28 12.32 -8.77
CA PHE A 86 -13.52 12.04 -7.36
C PHE A 86 -12.33 12.51 -6.54
N VAL A 87 -12.60 12.90 -5.30
CA VAL A 87 -11.57 13.45 -4.43
C VAL A 87 -12.02 13.27 -2.99
N ILE A 88 -11.07 13.06 -2.10
CA ILE A 88 -11.34 12.96 -0.67
C ILE A 88 -11.15 14.34 -0.06
N PRO A 89 -12.18 14.94 0.54
CA PRO A 89 -12.02 16.30 1.10
C PRO A 89 -11.17 16.32 2.35
N ASP A 90 -10.94 17.52 2.88
CA ASP A 90 -10.14 17.69 4.10
C ASP A 90 -10.89 17.15 5.31
N LEU B 1 -52.91 0.64 -52.02
CA LEU B 1 -52.57 -0.76 -52.26
C LEU B 1 -51.11 -0.91 -52.65
N SER B 2 -50.40 -1.77 -51.94
CA SER B 2 -48.99 -2.01 -52.23
C SER B 2 -48.84 -2.95 -53.42
N ASN B 3 -47.83 -2.69 -54.24
CA ASN B 3 -47.53 -3.50 -55.40
C ASN B 3 -46.66 -4.72 -55.07
N GLU B 4 -46.29 -4.90 -53.81
CA GLU B 4 -45.49 -6.04 -53.40
C GLU B 4 -46.38 -7.27 -53.22
N VAL B 5 -45.86 -8.43 -53.57
CA VAL B 5 -46.53 -9.70 -53.37
C VAL B 5 -45.65 -10.51 -52.42
N SER B 6 -46.00 -10.50 -51.13
CA SER B 6 -45.26 -11.26 -50.13
C SER B 6 -45.90 -12.63 -49.94
N THR B 7 -45.10 -13.54 -49.39
CA THR B 7 -45.62 -14.83 -48.93
C THR B 7 -46.36 -14.63 -47.61
N ASP B 8 -47.32 -15.51 -47.35
CA ASP B 8 -48.08 -15.42 -46.11
C ASP B 8 -47.21 -15.66 -44.89
N GLU B 9 -46.19 -16.53 -45.02
CA GLU B 9 -45.31 -16.82 -43.89
C GLU B 9 -44.41 -15.63 -43.58
N ALA B 10 -43.98 -14.90 -44.59
CA ALA B 10 -43.16 -13.72 -44.35
C ALA B 10 -43.97 -12.61 -43.68
N LEU B 11 -45.24 -12.45 -44.08
CA LEU B 11 -46.08 -11.43 -43.45
C LEU B 11 -46.42 -11.80 -42.02
N LEU B 12 -46.73 -13.07 -41.76
CA LEU B 12 -46.99 -13.51 -40.40
C LEU B 12 -45.77 -13.32 -39.51
N LYS B 13 -44.58 -13.64 -40.03
CA LYS B 13 -43.36 -13.40 -39.28
C LYS B 13 -43.16 -11.91 -39.02
N ARG B 14 -43.54 -11.08 -39.98
CA ARG B 14 -43.45 -9.63 -39.78
C ARG B 14 -44.45 -9.15 -38.73
N TYR B 15 -45.69 -9.63 -38.82
CA TYR B 15 -46.71 -9.22 -37.85
C TYR B 15 -46.33 -9.66 -36.44
N ARG B 16 -45.85 -10.90 -36.29
CA ARG B 16 -45.50 -11.38 -34.96
C ARG B 16 -44.36 -10.58 -34.34
N LYS B 17 -43.39 -10.17 -35.15
CA LYS B 17 -42.31 -9.33 -34.63
C LYS B 17 -42.82 -7.97 -34.21
N GLU B 18 -43.73 -7.38 -34.98
CA GLU B 18 -44.25 -6.06 -34.64
C GLU B 18 -45.11 -6.11 -33.38
N ILE B 19 -45.91 -7.16 -33.22
CA ILE B 19 -46.71 -7.30 -32.00
C ILE B 19 -45.81 -7.41 -30.79
N ASP B 21 -42.71 -6.30 -30.48
CA ASP B 21 -42.02 -5.03 -30.25
C ASP B 21 -42.96 -3.99 -29.64
N LEU B 22 -44.20 -3.92 -30.12
CA LEU B 22 -45.14 -2.96 -29.57
C LEU B 22 -45.52 -3.30 -28.14
N LYS B 23 -45.56 -4.59 -27.79
CA LYS B 23 -45.87 -4.97 -26.41
C LYS B 23 -44.75 -4.56 -25.47
N LYS B 24 -43.51 -4.68 -25.90
CA LYS B 24 -42.39 -4.28 -25.05
C LYS B 24 -42.29 -2.76 -24.92
N GLN B 25 -42.67 -2.02 -25.97
CA GLN B 25 -42.72 -0.58 -25.85
C GLN B 25 -43.76 -0.15 -24.82
N LEU B 26 -44.93 -0.80 -24.83
CA LEU B 26 -45.96 -0.49 -23.85
C LEU B 26 -45.50 -0.82 -22.43
N GLU B 27 -44.73 -1.91 -22.27
CA GLU B 27 -44.21 -2.24 -20.95
C GLU B 27 -43.18 -1.21 -20.48
N GLU B 28 -42.36 -0.71 -21.40
CA GLU B 28 -41.32 0.25 -21.02
C GLU B 28 -41.92 1.63 -20.72
N VAL B 29 -42.93 2.05 -21.48
CA VAL B 29 -43.51 3.36 -21.22
C VAL B 29 -44.38 3.31 -19.97
N SER B 30 -45.01 2.16 -19.69
CA SER B 30 -45.77 2.03 -18.45
C SER B 30 -44.86 2.06 -17.24
N LEU B 31 -43.65 1.51 -17.37
CA LEU B 31 -42.67 1.59 -16.30
C LEU B 31 -42.21 3.02 -16.07
N GLU B 32 -41.89 3.72 -17.16
CA GLU B 32 -41.49 5.13 -17.06
C GLU B 32 -42.63 6.00 -16.53
N THR B 33 -43.87 5.64 -16.87
CA THR B 33 -45.01 6.37 -16.32
C THR B 33 -45.05 6.28 -14.79
N ARG B 34 -44.76 5.10 -14.24
CA ARG B 34 -44.70 4.97 -12.79
C ARG B 34 -43.51 5.73 -12.22
N ALA B 35 -42.38 5.74 -12.92
CA ALA B 35 -41.23 6.50 -12.46
C ALA B 35 -41.52 8.00 -12.46
N GLN B 36 -42.19 8.49 -13.51
CA GLN B 36 -42.57 9.90 -13.55
C GLN B 36 -43.61 10.24 -12.48
N ALA B 37 -44.48 9.28 -12.16
CA ALA B 37 -45.48 9.51 -11.12
C ALA B 37 -44.82 9.67 -9.75
N GLU B 39 -41.67 10.76 -9.25
CA GLU B 39 -40.99 12.05 -9.24
C GLU B 39 -41.98 13.20 -9.04
N LYS B 40 -43.18 13.06 -9.60
CA LYS B 40 -44.20 14.09 -9.40
C LYS B 40 -44.69 14.12 -7.96
N ASP B 41 -44.85 12.95 -7.34
CA ASP B 41 -45.27 12.92 -5.95
C ASP B 41 -44.22 13.55 -5.04
N GLN B 42 -42.94 13.32 -5.34
CA GLN B 42 -41.87 13.92 -4.55
C GLN B 42 -41.87 15.44 -4.70
N LEU B 43 -42.14 15.94 -5.91
CA LEU B 43 -42.21 17.38 -6.10
C LEU B 43 -43.40 17.98 -5.34
N GLU B 44 -44.53 17.28 -5.34
CA GLU B 44 -45.70 17.77 -4.61
C GLU B 44 -45.44 17.76 -3.11
N LYS B 45 -44.72 16.75 -2.62
CA LYS B 45 -44.36 16.71 -1.20
C LYS B 45 -43.44 17.87 -0.85
N GLU B 46 -42.48 18.17 -1.71
CA GLU B 46 -41.57 19.29 -1.45
C GLU B 46 -42.31 20.62 -1.53
N ARG B 47 -43.29 20.72 -2.43
CA ARG B 47 -44.10 21.93 -2.52
C ARG B 47 -44.91 22.15 -1.25
N ASP B 48 -45.58 21.09 -0.76
CA ASP B 48 -46.33 21.22 0.48
C ASP B 48 -45.41 21.45 1.66
N PHE B 49 -44.21 20.87 1.63
CA PHE B 49 -43.22 21.10 2.68
C PHE B 49 -42.87 22.58 2.77
N TYR B 50 -42.65 23.22 1.62
CA TYR B 50 -42.35 24.65 1.62
C TYR B 50 -43.56 25.48 2.03
N PHE B 51 -44.74 25.14 1.52
CA PHE B 51 -45.92 25.94 1.83
C PHE B 51 -46.28 25.90 3.30
N GLY B 52 -46.11 24.74 3.95
CA GLY B 52 -46.40 24.64 5.36
C GLY B 52 -45.59 25.62 6.19
N LYS B 53 -44.34 25.84 5.80
CA LYS B 53 -43.51 26.84 6.49
C LYS B 53 -44.06 28.24 6.28
N LEU B 54 -44.36 28.59 5.02
CA LEU B 54 -44.93 29.91 4.73
C LEU B 54 -46.25 30.12 5.46
N ARG B 55 -47.09 29.09 5.52
CA ARG B 55 -48.34 29.17 6.26
C ARG B 55 -48.08 29.42 7.74
N ASN B 56 -47.09 28.74 8.31
CA ASN B 56 -46.76 28.96 9.73
C ASN B 56 -46.12 30.32 9.95
N ILE B 57 -45.37 30.82 8.96
CA ILE B 57 -44.78 32.15 9.08
C ILE B 57 -45.87 33.23 9.06
N GLU B 58 -46.91 33.03 8.25
CA GLU B 58 -47.99 33.99 8.20
C GLU B 58 -48.72 34.06 9.53
N LEU B 59 -48.87 32.92 10.21
CA LEU B 59 -49.51 32.92 11.52
C LEU B 59 -48.75 33.80 12.50
N ILE B 60 -47.42 33.73 12.47
CA ILE B 60 -46.62 34.52 13.41
C ILE B 60 -46.67 36.01 13.05
N CYS B 61 -46.66 36.33 11.76
CA CYS B 61 -46.75 37.72 11.34
C CYS B 61 -48.10 38.32 11.73
N GLN B 62 -49.18 37.53 11.61
CA GLN B 62 -50.49 38.03 12.00
C GLN B 62 -50.63 38.13 13.51
N GLU B 63 -49.98 37.23 14.26
CA GLU B 63 -50.03 37.30 15.71
C GLU B 63 -49.43 38.60 16.23
N ASN B 64 -48.38 39.09 15.57
CA ASN B 64 -47.74 40.34 15.93
C ASN B 64 -48.26 41.52 15.14
N GLU B 65 -49.48 41.41 14.62
CA GLU B 65 -50.10 42.53 13.91
C GLU B 65 -50.37 43.67 14.89
N GLY B 66 -50.30 44.89 14.38
CA GLY B 66 -50.45 46.08 15.20
C GLY B 66 -49.14 46.62 15.74
N GLU B 67 -48.13 45.76 15.92
CA GLU B 67 -46.81 46.22 16.31
C GLU B 67 -46.16 47.10 15.24
N ASN B 68 -46.65 47.04 14.00
CA ASN B 68 -46.13 47.85 12.90
C ASN B 68 -44.63 47.62 12.71
N ASP B 69 -44.20 46.38 12.90
CA ASP B 69 -42.78 46.05 12.75
C ASP B 69 -42.37 46.19 11.28
N PRO B 70 -41.34 46.99 10.98
CA PRO B 70 -40.89 47.09 9.58
C PRO B 70 -40.34 45.79 9.03
N VAL B 71 -39.78 44.92 9.88
CA VAL B 71 -39.23 43.67 9.40
C VAL B 71 -40.33 42.65 9.13
N LEU B 72 -41.36 42.62 9.98
CA LEU B 72 -42.46 41.68 9.79
C LEU B 72 -43.38 42.08 8.65
N GLN B 73 -43.52 43.39 8.40
CA GLN B 73 -44.41 43.83 7.33
C GLN B 73 -43.85 43.47 5.95
N ARG B 74 -42.54 43.64 5.74
CA ARG B 74 -41.98 43.26 4.46
C ARG B 74 -41.82 41.74 4.32
N ILE B 75 -41.89 40.99 5.42
CA ILE B 75 -42.04 39.54 5.32
C ILE B 75 -43.44 39.20 4.81
N VAL B 76 -44.45 39.96 5.25
CA VAL B 76 -45.80 39.82 4.70
C VAL B 76 -45.80 40.20 3.22
N ASP B 77 -45.02 41.23 2.86
CA ASP B 77 -44.91 41.61 1.46
C ASP B 77 -44.35 40.47 0.61
N ILE B 78 -43.42 39.71 1.16
CA ILE B 78 -42.85 38.58 0.43
C ILE B 78 -43.90 37.49 0.23
N LEU B 79 -44.76 37.27 1.23
CA LEU B 79 -45.76 36.23 1.14
C LEU B 79 -46.73 36.47 -0.02
N TYR B 80 -47.13 37.73 -0.21
CA TYR B 80 -48.14 38.08 -1.20
C TYR B 80 -47.58 38.77 -2.43
N ALA B 81 -46.25 38.77 -2.59
CA ALA B 81 -45.64 39.30 -3.79
C ALA B 81 -45.82 38.34 -4.96
N THR B 82 -45.85 38.89 -6.17
CA THR B 82 -45.95 38.07 -7.36
C THR B 82 -44.55 37.71 -7.87
N ASP B 83 -44.45 36.55 -8.52
CA ASP B 83 -43.16 36.06 -9.01
C ASP B 83 -43.42 35.06 -10.11
N GLU B 84 -42.90 35.34 -11.31
CA GLU B 84 -43.02 34.43 -12.46
C GLU B 84 -44.48 34.12 -12.78
N GLY B 85 -45.33 35.15 -12.70
CA GLY B 85 -46.73 35.00 -13.02
C GLY B 85 -47.57 34.32 -11.95
N PHE B 86 -47.01 34.01 -10.79
CA PHE B 86 -47.74 33.39 -9.70
C PHE B 86 -47.93 34.39 -8.57
N VAL B 87 -49.00 34.20 -7.80
CA VAL B 87 -49.28 35.02 -6.63
C VAL B 87 -50.27 34.27 -5.75
N ILE B 88 -50.10 34.42 -4.44
CA ILE B 88 -51.00 33.80 -3.46
C ILE B 88 -52.17 34.75 -3.25
N PRO B 89 -53.41 34.30 -3.46
CA PRO B 89 -54.56 35.19 -3.24
C PRO B 89 -54.74 35.49 -1.76
N ASP B 90 -55.24 36.69 -1.48
CA ASP B 90 -55.47 37.12 -0.11
C ASP B 90 -56.97 37.29 0.15
N LEU C 1 -27.08 31.21 29.20
CA LEU C 1 -26.65 30.66 27.91
C LEU C 1 -27.77 29.83 27.29
N SER C 2 -28.03 28.66 27.87
CA SER C 2 -29.09 27.78 27.39
C SER C 2 -30.45 28.30 27.84
N ASN C 3 -31.41 28.33 26.92
CA ASN C 3 -32.77 28.74 27.25
C ASN C 3 -33.60 27.60 27.84
N GLU C 4 -33.01 26.42 28.01
CA GLU C 4 -33.72 25.29 28.60
C GLU C 4 -33.71 25.41 30.12
N VAL C 5 -34.81 24.99 30.73
CA VAL C 5 -34.92 24.88 32.18
C VAL C 5 -35.12 23.43 32.52
N SER C 6 -34.16 22.83 33.20
CA SER C 6 -34.15 21.42 33.50
C SER C 6 -34.39 21.18 34.99
N THR C 7 -34.89 20.00 35.31
CA THR C 7 -35.09 19.61 36.69
C THR C 7 -33.77 19.13 37.29
N ASP C 8 -33.77 18.96 38.61
CA ASP C 8 -32.65 18.31 39.29
C ASP C 8 -32.41 16.93 38.71
N GLU C 9 -33.48 16.14 38.58
CA GLU C 9 -33.34 14.75 38.15
C GLU C 9 -32.66 14.64 36.80
N ALA C 10 -33.08 15.48 35.84
CA ALA C 10 -32.55 15.38 34.50
C ALA C 10 -31.07 15.75 34.46
N LEU C 11 -30.69 16.81 35.16
CA LEU C 11 -29.29 17.23 35.15
C LEU C 11 -28.42 16.29 35.98
N LEU C 12 -28.93 15.83 37.13
CA LEU C 12 -28.22 14.83 37.91
C LEU C 12 -28.01 13.55 37.10
N LYS C 13 -29.06 13.12 36.38
CA LYS C 13 -28.92 11.95 35.51
C LYS C 13 -27.84 12.17 34.47
N ARG C 14 -27.80 13.36 33.87
CA ARG C 14 -26.80 13.66 32.84
C ARG C 14 -25.39 13.63 33.42
N TYR C 15 -25.21 14.17 34.63
CA TYR C 15 -23.89 14.19 35.24
C TYR C 15 -23.40 12.79 35.56
N ARG C 16 -24.27 11.94 36.12
CA ARG C 16 -23.87 10.57 36.43
C ARG C 16 -23.42 9.82 35.18
N LYS C 17 -24.09 10.07 34.04
CA LYS C 17 -23.70 9.43 32.80
C LYS C 17 -22.32 9.88 32.35
N GLU C 18 -22.04 11.19 32.44
CA GLU C 18 -20.72 11.68 32.06
C GLU C 18 -19.63 11.13 32.95
N ILE C 19 -19.89 11.04 34.26
CA ILE C 19 -18.91 10.50 35.19
C ILE C 19 -18.60 9.05 34.87
N ASP C 21 -18.96 7.58 31.87
CA ASP C 21 -18.25 7.53 30.59
C ASP C 21 -16.79 7.96 30.77
N LEU C 22 -16.54 9.00 31.56
CA LEU C 22 -15.18 9.48 31.74
C LEU C 22 -14.35 8.50 32.55
N LYS C 23 -14.96 7.82 33.54
CA LYS C 23 -14.20 6.87 34.33
C LYS C 23 -13.84 5.61 33.53
N LYS C 24 -14.72 5.20 32.61
CA LYS C 24 -14.34 4.12 31.70
C LYS C 24 -13.19 4.56 30.80
N GLN C 25 -13.21 5.82 30.36
CA GLN C 25 -12.12 6.34 29.55
C GLN C 25 -10.80 6.32 30.32
N LEU C 26 -10.82 6.73 31.59
CA LEU C 26 -9.59 6.79 32.37
C LEU C 26 -9.00 5.42 32.61
N GLU C 27 -9.84 4.38 32.70
CA GLU C 27 -9.31 3.03 32.90
C GLU C 27 -8.72 2.46 31.62
N GLU C 28 -9.33 2.78 30.46
CA GLU C 28 -8.84 2.25 29.19
C GLU C 28 -7.49 2.87 28.83
N VAL C 29 -7.34 4.18 29.05
CA VAL C 29 -6.05 4.81 28.77
C VAL C 29 -5.01 4.41 29.80
N SER C 30 -5.44 4.08 31.02
CA SER C 30 -4.50 3.61 32.03
C SER C 30 -3.97 2.22 31.68
N LEU C 31 -4.83 1.35 31.15
CA LEU C 31 -4.35 0.07 30.64
C LEU C 31 -3.50 0.25 29.39
N GLU C 32 -3.89 1.18 28.52
CA GLU C 32 -3.09 1.45 27.32
C GLU C 32 -1.74 2.02 27.70
N THR C 33 -1.68 2.85 28.75
CA THR C 33 -0.40 3.36 29.23
C THR C 33 0.48 2.22 29.75
N ARG C 34 -0.11 1.26 30.46
CA ARG C 34 0.66 0.14 30.98
C ARG C 34 1.13 -0.77 29.84
N ALA C 35 0.26 -1.01 28.85
CA ALA C 35 0.65 -1.84 27.71
C ALA C 35 1.78 -1.21 26.92
N GLN C 36 1.75 0.12 26.77
CA GLN C 36 2.83 0.80 26.06
C GLN C 36 4.12 0.81 26.87
N ALA C 37 4.02 0.78 28.20
CA ALA C 37 5.21 0.73 29.03
C ALA C 37 5.91 -0.62 28.91
N GLU C 39 5.64 -2.62 26.13
CA GLU C 39 6.17 -2.62 24.77
C GLU C 39 7.46 -1.81 24.68
N LYS C 40 7.57 -0.74 25.48
CA LYS C 40 8.77 0.09 25.45
C LYS C 40 9.95 -0.62 26.10
N ASP C 41 9.72 -1.30 27.22
CA ASP C 41 10.80 -2.08 27.83
C ASP C 41 11.23 -3.22 26.92
N GLN C 42 10.28 -3.83 26.21
CA GLN C 42 10.64 -4.89 25.26
C GLN C 42 11.50 -4.34 24.12
N LEU C 43 11.16 -3.16 23.63
CA LEU C 43 11.97 -2.54 22.57
C LEU C 43 13.37 -2.19 23.07
N GLU C 44 13.47 -1.70 24.31
CA GLU C 44 14.77 -1.41 24.88
C GLU C 44 15.57 -2.69 25.10
N LYS C 45 14.91 -3.77 25.52
CA LYS C 45 15.59 -5.06 25.65
C LYS C 45 16.13 -5.52 24.30
N GLU C 46 15.30 -5.40 23.25
CA GLU C 46 15.72 -5.82 21.92
C GLU C 46 16.83 -4.92 21.38
N ARG C 47 16.78 -3.62 21.69
CA ARG C 47 17.86 -2.73 21.30
C ARG C 47 19.18 -3.13 21.94
N ASP C 48 19.17 -3.32 23.27
CA ASP C 48 20.38 -3.76 23.96
C ASP C 48 20.79 -5.16 23.54
N PHE C 49 19.81 -6.01 23.22
CA PHE C 49 20.11 -7.34 22.70
C PHE C 49 20.88 -7.26 21.39
N TYR C 50 20.41 -6.43 20.47
CA TYR C 50 21.11 -6.26 19.20
C TYR C 50 22.48 -5.60 19.41
N PHE C 51 22.54 -4.58 20.27
CA PHE C 51 23.81 -3.88 20.47
C PHE C 51 24.85 -4.78 21.12
N GLY C 52 24.44 -5.63 22.06
CA GLY C 52 25.39 -6.52 22.71
C GLY C 52 26.12 -7.41 21.73
N LYS C 53 25.43 -7.83 20.66
CA LYS C 53 26.08 -8.62 19.62
C LYS C 53 27.08 -7.78 18.84
N LEU C 54 26.68 -6.56 18.45
CA LEU C 54 27.56 -5.70 17.67
C LEU C 54 28.82 -5.36 18.46
N ARG C 55 28.69 -5.13 19.76
CA ARG C 55 29.87 -4.83 20.59
C ARG C 55 30.78 -6.04 20.70
N ASN C 56 30.21 -7.24 20.85
CA ASN C 56 31.03 -8.45 20.88
C ASN C 56 31.68 -8.70 19.52
N ILE C 57 30.98 -8.38 18.43
CA ILE C 57 31.57 -8.53 17.10
C ILE C 57 32.70 -7.53 16.90
N GLU C 58 32.53 -6.32 17.44
CA GLU C 58 33.57 -5.30 17.33
C GLU C 58 34.85 -5.75 18.04
N LEU C 59 34.72 -6.43 19.17
CA LEU C 59 35.89 -6.93 19.90
C LEU C 59 36.65 -7.94 19.06
N ILE C 60 35.93 -8.81 18.34
CA ILE C 60 36.58 -9.80 17.50
C ILE C 60 37.32 -9.13 16.34
N CYS C 61 36.72 -8.07 15.78
CA CYS C 61 37.36 -7.40 14.65
C CYS C 61 38.62 -6.65 15.07
N GLN C 62 38.61 -6.07 16.26
CA GLN C 62 39.75 -5.24 16.67
C GLN C 62 40.96 -6.10 17.03
N GLU C 63 40.74 -7.28 17.63
CA GLU C 63 41.82 -8.17 18.00
C GLU C 63 42.37 -8.98 16.83
N ASN C 64 42.12 -8.55 15.59
CA ASN C 64 42.57 -9.26 14.39
C ASN C 64 43.10 -8.22 13.41
N GLU C 65 44.38 -7.89 13.54
CA GLU C 65 45.06 -7.02 12.58
C GLU C 65 45.93 -7.90 11.70
N GLY C 66 45.34 -8.39 10.61
CA GLY C 66 46.09 -9.07 9.57
C GLY C 66 45.61 -8.56 8.22
N GLU C 67 45.09 -7.34 8.24
CA GLU C 67 44.35 -6.72 7.14
C GLU C 67 43.44 -7.72 6.46
N ASN C 68 42.69 -8.47 7.26
CA ASN C 68 41.61 -9.32 6.78
C ASN C 68 40.51 -8.38 6.31
N ASP C 69 40.75 -7.77 5.13
CA ASP C 69 39.92 -6.73 4.54
C ASP C 69 38.62 -7.29 3.97
N PRO C 70 38.63 -8.33 3.12
CA PRO C 70 37.37 -8.73 2.47
C PRO C 70 36.24 -9.16 3.41
N VAL C 71 36.50 -9.37 4.69
CA VAL C 71 35.42 -9.73 5.60
C VAL C 71 35.47 -8.84 6.84
N LEU C 72 36.58 -8.90 7.57
CA LEU C 72 36.65 -8.24 8.87
C LEU C 72 36.57 -6.72 8.76
N GLN C 73 37.45 -6.13 7.95
CA GLN C 73 37.45 -4.67 7.80
C GLN C 73 36.16 -4.17 7.17
N ARG C 74 35.50 -5.00 6.36
CA ARG C 74 34.21 -4.63 5.80
C ARG C 74 33.08 -4.79 6.81
N ILE C 75 33.26 -5.63 7.83
CA ILE C 75 32.32 -5.66 8.94
C ILE C 75 32.50 -4.41 9.81
N VAL C 76 33.74 -3.93 9.95
CA VAL C 76 33.99 -2.71 10.71
C VAL C 76 33.34 -1.51 10.03
N ASP C 77 33.42 -1.44 8.70
CA ASP C 77 32.76 -0.37 7.97
C ASP C 77 31.25 -0.41 8.16
N ILE C 78 30.68 -1.61 8.33
CA ILE C 78 29.25 -1.71 8.62
C ILE C 78 28.94 -1.12 9.99
N LEU C 79 29.80 -1.38 10.98
CA LEU C 79 29.54 -0.94 12.34
C LEU C 79 29.46 0.58 12.45
N TYR C 80 30.33 1.29 11.73
CA TYR C 80 30.41 2.74 11.84
C TYR C 80 29.80 3.47 10.65
N ALA C 81 29.06 2.78 9.79
CA ALA C 81 28.41 3.44 8.68
C ALA C 81 27.16 4.18 9.16
N THR C 82 26.73 5.15 8.35
CA THR C 82 25.55 5.95 8.65
C THR C 82 24.29 5.26 8.12
N ASP C 83 23.19 5.46 8.82
CA ASP C 83 21.92 4.89 8.41
C ASP C 83 20.79 5.66 9.07
N GLU C 84 19.88 6.20 8.27
CA GLU C 84 18.70 6.92 8.75
C GLU C 84 19.09 8.07 9.68
N GLY C 85 20.14 8.80 9.29
CA GLY C 85 20.59 9.92 10.09
C GLY C 85 21.20 9.55 11.42
N PHE C 86 21.50 8.26 11.64
CA PHE C 86 22.15 7.80 12.86
C PHE C 86 23.53 7.27 12.53
N VAL C 87 24.44 7.35 13.50
CA VAL C 87 25.80 6.86 13.35
C VAL C 87 26.39 6.65 14.73
N ILE C 88 27.19 5.59 14.87
CA ILE C 88 27.89 5.29 16.11
C ILE C 88 29.19 6.06 16.12
N PRO C 89 29.43 6.93 17.12
CA PRO C 89 30.71 7.66 17.16
C PRO C 89 31.89 6.73 17.39
N ASP C 90 33.03 7.11 16.82
CA ASP C 90 34.25 6.33 16.95
C ASP C 90 35.16 6.92 18.02
N LEU D 1 -26.99 1.71 50.14
CA LEU D 1 -27.65 3.00 50.22
C LEU D 1 -27.03 3.88 51.32
N SER D 2 -26.60 5.08 50.95
CA SER D 2 -25.98 5.98 51.91
C SER D 2 -27.02 6.57 52.85
N ASN D 3 -26.59 6.85 54.09
CA ASN D 3 -27.45 7.45 55.11
C ASN D 3 -27.25 8.95 55.21
N GLU D 4 -26.95 9.60 54.09
CA GLU D 4 -26.66 11.03 54.08
C GLU D 4 -27.66 11.70 53.15
N VAL D 5 -28.42 12.65 53.68
CA VAL D 5 -29.41 13.39 52.90
C VAL D 5 -28.75 14.69 52.45
N SER D 6 -28.35 14.72 51.20
CA SER D 6 -27.73 15.91 50.62
C SER D 6 -28.77 16.70 49.86
N THR D 7 -28.57 18.02 49.81
CA THR D 7 -29.40 18.86 48.96
C THR D 7 -29.04 18.62 47.49
N ASP D 8 -30.01 18.90 46.61
CA ASP D 8 -29.79 18.70 45.19
C ASP D 8 -28.65 19.59 44.68
N GLU D 9 -28.53 20.80 45.23
CA GLU D 9 -27.49 21.71 44.77
C GLU D 9 -26.11 21.25 45.23
N ALA D 10 -26.03 20.65 46.42
CA ALA D 10 -24.75 20.15 46.91
C ALA D 10 -24.27 18.96 46.07
N LEU D 11 -25.19 18.09 45.67
CA LEU D 11 -24.80 16.95 44.84
C LEU D 11 -24.46 17.40 43.43
N LEU D 12 -25.19 18.38 42.89
CA LEU D 12 -24.84 18.94 41.60
C LEU D 12 -23.46 19.59 41.64
N LYS D 13 -23.15 20.29 42.74
CA LYS D 13 -21.82 20.88 42.89
C LYS D 13 -20.76 19.81 43.00
N ARG D 14 -21.08 18.70 43.67
CA ARG D 14 -20.12 17.60 43.79
C ARG D 14 -19.90 16.92 42.44
N TYR D 15 -20.95 16.73 41.65
CA TYR D 15 -20.80 16.11 40.34
C TYR D 15 -19.99 16.98 39.39
N ARG D 16 -20.24 18.30 39.41
CA ARG D 16 -19.53 19.18 38.50
C ARG D 16 -18.03 19.22 38.83
N LYS D 17 -17.67 19.13 40.10
CA LYS D 17 -16.27 19.11 40.47
C LYS D 17 -15.61 17.79 40.07
N GLU D 18 -16.34 16.68 40.24
CA GLU D 18 -15.79 15.38 39.86
C GLU D 18 -15.63 15.28 38.34
N ILE D 19 -16.55 15.87 37.58
CA ILE D 19 -16.42 15.84 36.12
C ILE D 19 -15.18 16.60 35.68
N ASP D 21 -12.44 17.21 37.44
CA ASP D 21 -11.24 16.48 37.86
C ASP D 21 -10.96 15.31 36.93
N LEU D 22 -12.01 14.63 36.46
CA LEU D 22 -11.81 13.55 35.51
C LEU D 22 -11.33 14.08 34.17
N LYS D 23 -11.80 15.26 33.77
CA LYS D 23 -11.33 15.87 32.53
C LYS D 23 -9.84 16.19 32.61
N LYS D 24 -9.41 16.79 33.73
CA LYS D 24 -7.99 17.16 33.86
C LYS D 24 -7.11 15.93 33.98
N GLN D 25 -7.60 14.88 34.63
CA GLN D 25 -6.83 13.63 34.71
C GLN D 25 -6.57 13.06 33.32
N LEU D 26 -7.62 13.03 32.48
CA LEU D 26 -7.45 12.54 31.11
C LEU D 26 -6.47 13.40 30.33
N GLU D 27 -6.41 14.70 30.62
CA GLU D 27 -5.44 15.57 29.95
C GLU D 27 -4.02 15.25 30.40
N GLU D 28 -3.85 14.94 31.69
CA GLU D 28 -2.52 14.57 32.19
C GLU D 28 -2.02 13.29 31.54
N VAL D 29 -2.87 12.26 31.48
CA VAL D 29 -2.45 10.97 30.93
C VAL D 29 -2.15 11.10 29.44
N SER D 30 -2.94 11.89 28.72
CA SER D 30 -2.69 12.08 27.29
C SER D 30 -1.36 12.79 27.05
N LEU D 31 -0.96 13.69 27.95
CA LEU D 31 0.35 14.32 27.84
C LEU D 31 1.47 13.34 28.12
N GLU D 32 1.31 12.51 29.17
CA GLU D 32 2.33 11.50 29.46
C GLU D 32 2.38 10.43 28.38
N THR D 33 1.21 10.04 27.86
CA THR D 33 1.17 9.09 26.75
C THR D 33 1.85 9.66 25.52
N ARG D 34 1.69 10.96 25.28
CA ARG D 34 2.39 11.60 24.15
C ARG D 34 3.89 11.58 24.37
N ALA D 35 4.35 11.93 25.57
CA ALA D 35 5.78 11.93 25.85
C ALA D 35 6.35 10.51 25.83
N GLN D 36 5.60 9.54 26.36
CA GLN D 36 6.09 8.16 26.33
C GLN D 36 6.16 7.62 24.91
N ALA D 37 5.27 8.09 24.02
CA ALA D 37 5.31 7.61 22.64
C ALA D 37 6.55 8.09 21.91
N GLU D 39 9.58 8.61 23.38
CA GLU D 39 10.66 7.76 23.86
C GLU D 39 10.63 6.39 23.20
N LYS D 40 9.42 5.84 23.05
CA LYS D 40 9.28 4.51 22.44
C LYS D 40 9.70 4.53 20.98
N ASP D 41 9.35 5.61 20.26
CA ASP D 41 9.74 5.71 18.86
C ASP D 41 11.25 5.79 18.71
N GLN D 42 11.92 6.52 19.61
CA GLN D 42 13.37 6.59 19.55
C GLN D 42 14.01 5.24 19.81
N LEU D 43 13.46 4.47 20.76
CA LEU D 43 14.00 3.15 21.06
C LEU D 43 13.80 2.19 19.88
N GLU D 44 12.66 2.29 19.20
CA GLU D 44 12.44 1.42 18.04
C GLU D 44 13.36 1.79 16.89
N LYS D 45 13.57 3.09 16.66
CA LYS D 45 14.49 3.51 15.61
C LYS D 45 15.92 3.04 15.92
N GLU D 46 16.32 3.12 17.19
CA GLU D 46 17.65 2.64 17.57
C GLU D 46 17.73 1.11 17.46
N ARG D 47 16.63 0.41 17.75
CA ARG D 47 16.60 -1.03 17.58
C ARG D 47 16.77 -1.42 16.12
N ASP D 48 16.02 -0.77 15.22
CA ASP D 48 16.14 -1.07 13.80
C ASP D 48 17.52 -0.66 13.28
N PHE D 49 18.08 0.42 13.83
CA PHE D 49 19.42 0.85 13.44
C PHE D 49 20.45 -0.24 13.72
N TYR D 50 20.39 -0.83 14.92
CA TYR D 50 21.31 -1.92 15.25
C TYR D 50 21.04 -3.17 14.41
N PHE D 51 19.77 -3.49 14.19
CA PHE D 51 19.44 -4.73 13.48
C PHE D 51 19.90 -4.67 12.03
N GLY D 52 19.78 -3.50 11.39
CA GLY D 52 20.23 -3.38 10.01
C GLY D 52 21.69 -3.70 9.84
N LYS D 53 22.51 -3.37 10.84
CA LYS D 53 23.92 -3.73 10.79
C LYS D 53 24.10 -5.23 10.96
N LEU D 54 23.38 -5.84 11.90
CA LEU D 54 23.45 -7.29 12.07
C LEU D 54 22.95 -8.01 10.82
N ARG D 55 21.95 -7.45 10.14
CA ARG D 55 21.42 -8.08 8.94
C ARG D 55 22.46 -8.08 7.82
N ASN D 56 23.22 -6.99 7.69
CA ASN D 56 24.25 -6.93 6.66
C ASN D 56 25.48 -7.73 7.05
N ILE D 57 25.79 -7.82 8.34
CA ILE D 57 26.91 -8.66 8.77
C ILE D 57 26.61 -10.12 8.47
N GLU D 58 25.35 -10.53 8.60
CA GLU D 58 24.97 -11.91 8.28
C GLU D 58 25.18 -12.20 6.80
N LEU D 59 24.91 -11.22 5.94
CA LEU D 59 25.14 -11.42 4.51
C LEU D 59 26.64 -11.59 4.21
N ILE D 60 27.48 -10.79 4.88
CA ILE D 60 28.92 -10.90 4.67
C ILE D 60 29.42 -12.26 5.12
N CYS D 61 28.83 -12.81 6.19
CA CYS D 61 29.26 -14.11 6.69
C CYS D 61 28.91 -15.23 5.72
N GLN D 62 27.67 -15.27 5.25
CA GLN D 62 27.24 -16.34 4.35
C GLN D 62 27.79 -16.20 2.94
N GLU D 63 28.37 -15.05 2.59
CA GLU D 63 29.14 -14.97 1.35
C GLU D 63 30.42 -15.78 1.44
N ASN D 64 30.93 -15.98 2.65
CA ASN D 64 32.16 -16.75 2.86
C ASN D 64 31.84 -18.23 3.08
N GLU D 65 31.18 -18.54 4.19
CA GLU D 65 30.83 -19.93 4.54
C GLU D 65 32.05 -20.83 4.66
N ASP D 69 37.84 -20.81 9.08
CA ASP D 69 38.16 -19.63 9.87
C ASP D 69 37.35 -19.58 11.14
N PRO D 70 37.96 -19.94 12.28
CA PRO D 70 37.22 -19.86 13.55
C PRO D 70 36.83 -18.45 13.94
N VAL D 71 37.61 -17.45 13.50
CA VAL D 71 37.30 -16.05 13.82
C VAL D 71 35.96 -15.66 13.21
N LEU D 72 35.77 -15.97 11.93
CA LEU D 72 34.49 -15.68 11.29
C LEU D 72 33.37 -16.54 11.86
N GLN D 73 33.68 -17.78 12.23
CA GLN D 73 32.68 -18.65 12.84
C GLN D 73 32.23 -18.10 14.19
N ARG D 74 33.14 -17.48 14.94
CA ARG D 74 32.76 -16.86 16.21
C ARG D 74 31.83 -15.67 15.98
N ILE D 75 31.94 -15.00 14.83
CA ILE D 75 31.02 -13.91 14.51
C ILE D 75 29.64 -14.46 14.19
N VAL D 76 29.58 -15.57 13.45
CA VAL D 76 28.31 -16.19 13.10
C VAL D 76 27.60 -16.69 14.36
N ASP D 77 28.33 -17.33 15.27
CA ASP D 77 27.73 -17.82 16.49
C ASP D 77 27.16 -16.70 17.33
N ILE D 78 27.80 -15.52 17.32
CA ILE D 78 27.29 -14.38 18.07
C ILE D 78 25.92 -13.97 17.55
N LEU D 79 25.71 -14.07 16.23
CA LEU D 79 24.42 -13.68 15.66
C LEU D 79 23.28 -14.54 16.21
N TYR D 80 23.50 -15.85 16.33
CA TYR D 80 22.47 -16.78 16.77
C TYR D 80 22.66 -17.25 18.20
N ALA D 81 23.55 -16.60 18.96
CA ALA D 81 23.74 -16.97 20.35
C ALA D 81 22.59 -16.46 21.22
N THR D 82 22.33 -17.19 22.30
CA THR D 82 21.35 -16.78 23.29
C THR D 82 21.98 -15.78 24.25
N ASP D 83 21.30 -14.65 24.45
CA ASP D 83 21.76 -13.62 25.36
C ASP D 83 20.60 -13.16 26.22
N GLU D 84 20.81 -13.17 27.53
CA GLU D 84 19.83 -12.74 28.55
C GLU D 84 18.40 -13.12 28.17
N GLY D 85 18.21 -14.39 27.82
CA GLY D 85 16.87 -14.93 27.61
C GLY D 85 16.27 -14.68 26.24
N PHE D 86 17.01 -14.09 25.30
CA PHE D 86 16.49 -13.81 23.97
C PHE D 86 17.41 -14.46 22.93
N VAL D 87 16.84 -14.73 21.75
CA VAL D 87 17.56 -15.42 20.70
C VAL D 87 16.87 -15.12 19.37
N ILE D 88 17.67 -14.99 18.31
CA ILE D 88 17.16 -14.81 16.95
C ILE D 88 16.92 -16.19 16.37
N PRO D 89 15.68 -16.55 16.02
CA PRO D 89 15.43 -17.88 15.48
C PRO D 89 15.84 -17.98 14.01
N ASP D 90 16.22 -19.19 13.63
CA ASP D 90 16.58 -19.48 12.24
C ASP D 90 15.40 -19.20 11.32
N LEU E 1 -7.73 -33.12 -10.58
CA LEU E 1 -8.86 -32.50 -11.25
C LEU E 1 -9.69 -31.68 -10.27
N SER E 2 -9.84 -30.39 -10.58
CA SER E 2 -10.63 -29.51 -9.73
C SER E 2 -12.11 -29.86 -9.79
N ASN E 3 -12.77 -29.78 -8.64
CA ASN E 3 -14.21 -30.02 -8.55
C ASN E 3 -15.03 -28.77 -8.84
N GLU E 4 -14.37 -27.66 -9.21
CA GLU E 4 -15.09 -26.46 -9.61
C GLU E 4 -15.55 -26.57 -11.04
N VAL E 5 -16.71 -25.97 -11.32
CA VAL E 5 -17.26 -25.88 -12.67
C VAL E 5 -17.36 -24.39 -12.98
N SER E 6 -16.42 -23.89 -13.79
CA SER E 6 -16.38 -22.49 -14.15
C SER E 6 -17.10 -22.26 -15.47
N THR E 7 -17.58 -21.03 -15.65
CA THR E 7 -18.08 -20.62 -16.96
C THR E 7 -16.93 -20.38 -17.91
N ASP E 8 -17.19 -20.58 -19.21
CA ASP E 8 -16.15 -20.34 -20.21
C ASP E 8 -15.69 -18.89 -20.18
N GLU E 9 -16.61 -17.96 -19.92
CA GLU E 9 -16.26 -16.55 -19.86
C GLU E 9 -15.32 -16.26 -18.70
N ALA E 10 -15.55 -16.90 -17.55
CA ALA E 10 -14.72 -16.63 -16.38
C ALA E 10 -13.30 -17.17 -16.57
N LEU E 11 -13.18 -18.36 -17.18
CA LEU E 11 -11.84 -18.91 -17.41
C LEU E 11 -11.08 -18.13 -18.48
N LEU E 12 -11.80 -17.62 -19.49
CA LEU E 12 -11.14 -16.79 -20.49
C LEU E 12 -10.67 -15.48 -19.87
N LYS E 13 -11.48 -14.90 -18.97
CA LYS E 13 -11.06 -13.69 -18.26
C LYS E 13 -9.85 -13.95 -17.39
N ARG E 14 -9.80 -15.11 -16.74
CA ARG E 14 -8.64 -15.46 -15.92
C ARG E 14 -7.40 -15.66 -16.77
N TYR E 15 -7.53 -16.37 -17.89
CA TYR E 15 -6.38 -16.59 -18.77
C TYR E 15 -5.83 -15.27 -19.29
N ARG E 16 -6.71 -14.35 -19.67
CA ARG E 16 -6.25 -13.06 -20.19
C ARG E 16 -5.50 -12.27 -19.12
N LYS E 17 -6.00 -12.25 -17.89
CA LYS E 17 -5.31 -11.56 -16.81
C LYS E 17 -3.97 -12.22 -16.52
N GLU E 18 -3.91 -13.55 -16.60
CA GLU E 18 -2.66 -14.25 -16.37
C GLU E 18 -1.66 -13.99 -17.50
N ILE E 19 -2.14 -13.95 -18.75
CA ILE E 19 -1.27 -13.66 -19.88
C ILE E 19 -0.68 -12.27 -19.75
N ASP E 21 -0.32 -10.55 -17.03
CA ASP E 21 0.58 -10.52 -15.88
C ASP E 21 1.91 -11.19 -16.21
N LEU E 22 1.86 -12.36 -16.84
CA LEU E 22 3.10 -13.07 -17.17
C LEU E 22 3.94 -12.29 -18.17
N LYS E 23 3.28 -11.61 -19.13
CA LYS E 23 4.01 -10.78 -20.07
C LYS E 23 4.72 -9.63 -19.37
N LYS E 24 4.04 -8.98 -18.42
CA LYS E 24 4.65 -7.88 -17.69
C LYS E 24 5.70 -8.39 -16.70
N GLN E 25 5.53 -9.60 -16.19
CA GLN E 25 6.59 -10.21 -15.38
C GLN E 25 7.82 -10.50 -16.23
N LEU E 26 7.63 -11.09 -17.40
CA LEU E 26 8.75 -11.43 -18.28
C LEU E 26 9.50 -10.18 -18.73
N GLU E 27 8.79 -9.06 -18.90
CA GLU E 27 9.45 -7.81 -19.28
C GLU E 27 10.34 -7.30 -18.17
N GLU E 28 9.84 -7.33 -16.92
CA GLU E 28 10.60 -6.78 -15.81
C GLU E 28 11.83 -7.63 -15.50
N VAL E 29 11.70 -8.96 -15.57
CA VAL E 29 12.83 -9.81 -15.23
C VAL E 29 13.86 -9.81 -16.36
N SER E 30 13.44 -9.64 -17.61
CA SER E 30 14.40 -9.57 -18.72
C SER E 30 15.15 -8.24 -18.69
N LEU E 31 14.47 -7.16 -18.33
CA LEU E 31 15.16 -5.90 -18.13
C LEU E 31 16.14 -5.99 -16.97
N GLU E 32 15.80 -6.76 -15.94
CA GLU E 32 16.76 -7.04 -14.87
C GLU E 32 17.96 -7.81 -15.40
N THR E 33 17.73 -8.79 -16.28
CA THR E 33 18.82 -9.57 -16.84
C THR E 33 19.74 -8.71 -17.69
N ARG E 34 19.17 -7.85 -18.53
CA ARG E 34 20.00 -6.99 -19.37
C ARG E 34 20.84 -6.04 -18.54
N ALA E 35 20.27 -5.51 -17.46
CA ALA E 35 21.03 -4.61 -16.59
C ALA E 35 22.18 -5.36 -15.91
N GLN E 36 21.93 -6.59 -15.45
CA GLN E 36 22.97 -7.36 -14.80
C GLN E 36 24.06 -7.78 -15.78
N ALA E 37 23.72 -7.95 -17.06
CA ALA E 37 24.72 -8.36 -18.05
C ALA E 37 25.71 -7.23 -18.32
N GLU E 39 26.43 -4.87 -16.26
CA GLU E 39 27.24 -4.80 -15.05
C GLU E 39 28.38 -5.81 -15.10
N LYS E 40 28.12 -6.98 -15.68
CA LYS E 40 29.16 -8.00 -15.81
C LYS E 40 30.24 -7.57 -16.80
N ASP E 41 29.84 -6.93 -17.90
CA ASP E 41 30.81 -6.41 -18.85
C ASP E 41 31.69 -5.34 -18.21
N GLN E 42 31.12 -4.56 -17.30
CA GLN E 42 31.91 -3.53 -16.62
C GLN E 42 32.94 -4.16 -15.69
N LEU E 43 32.57 -5.23 -15.00
CA LEU E 43 33.53 -5.92 -14.13
C LEU E 43 34.68 -6.50 -14.95
N GLU E 44 34.39 -6.99 -16.15
CA GLU E 44 35.44 -7.54 -17.00
C GLU E 44 36.42 -6.46 -17.45
N LYS E 45 35.90 -5.28 -17.79
CA LYS E 45 36.78 -4.16 -18.14
C LYS E 45 37.62 -3.75 -16.94
N GLU E 46 37.02 -3.72 -15.75
CA GLU E 46 37.78 -3.36 -14.56
C GLU E 46 38.84 -4.41 -14.23
N ARG E 47 38.54 -5.68 -14.48
CA ARG E 47 39.53 -6.74 -14.26
C ARG E 47 40.72 -6.56 -15.19
N ASP E 48 40.46 -6.40 -16.49
CA ASP E 48 41.56 -6.19 -17.43
C ASP E 48 42.26 -4.87 -17.18
N PHE E 49 41.54 -3.88 -16.69
CA PHE E 49 42.16 -2.62 -16.29
C PHE E 49 43.17 -2.84 -15.17
N TYR E 50 42.78 -3.60 -14.14
CA TYR E 50 43.71 -3.90 -13.05
C TYR E 50 44.86 -4.77 -13.53
N PHE E 51 44.56 -5.79 -14.35
CA PHE E 51 45.62 -6.68 -14.82
C PHE E 51 46.52 -5.99 -15.82
N GLY E 52 45.96 -5.11 -16.65
CA GLY E 52 46.77 -4.38 -17.60
C GLY E 52 47.89 -3.61 -16.93
N LYS E 53 47.63 -3.09 -15.74
CA LYS E 53 48.69 -2.45 -14.96
C LYS E 53 49.72 -3.47 -14.50
N LEU E 54 49.26 -4.59 -13.95
CA LEU E 54 50.18 -5.60 -13.42
C LEU E 54 51.11 -6.12 -14.51
N ARG E 55 50.59 -6.32 -15.72
CA ARG E 55 51.42 -6.83 -16.80
C ARG E 55 52.48 -5.81 -17.22
N ASN E 56 52.18 -4.52 -17.15
CA ASN E 56 53.13 -3.52 -17.59
C ASN E 56 54.29 -3.35 -16.60
N ILE E 57 54.00 -3.45 -15.30
CA ILE E 57 55.08 -3.34 -14.33
C ILE E 57 55.85 -4.64 -14.21
N GLU E 58 55.30 -5.76 -14.67
CA GLU E 58 56.10 -6.96 -14.79
C GLU E 58 57.14 -6.82 -15.90
N LEU E 59 56.82 -6.05 -16.93
CA LEU E 59 57.78 -5.81 -18.00
C LEU E 59 59.00 -5.05 -17.48
N ILE E 60 58.77 -3.95 -16.76
CA ILE E 60 59.89 -3.17 -16.25
C ILE E 60 60.69 -3.96 -15.23
N CYS E 61 60.05 -4.89 -14.51
CA CYS E 61 60.79 -5.75 -13.59
C CYS E 61 61.74 -6.67 -14.35
N GLN E 62 61.25 -7.28 -15.43
CA GLN E 62 62.11 -8.11 -16.27
C GLN E 62 63.22 -7.28 -16.91
N GLU E 63 62.96 -5.99 -17.18
CA GLU E 63 63.98 -5.13 -17.76
C GLU E 63 65.16 -4.92 -16.82
N ASN E 64 64.92 -4.87 -15.52
CA ASN E 64 65.96 -4.65 -14.52
C ASN E 64 66.11 -5.87 -13.62
N GLU E 65 66.07 -7.06 -14.21
CA GLU E 65 66.16 -8.31 -13.45
C GLU E 65 67.60 -8.56 -12.99
N ASP E 69 66.68 -3.47 -6.92
CA ASP E 69 66.93 -4.88 -7.18
C ASP E 69 66.20 -5.73 -6.13
N PRO E 70 66.35 -5.42 -4.83
CA PRO E 70 65.44 -6.10 -3.87
C PRO E 70 64.06 -5.50 -3.88
N VAL E 71 63.93 -4.19 -4.09
CA VAL E 71 62.62 -3.56 -4.24
C VAL E 71 61.90 -4.19 -5.43
N LEU E 72 62.61 -4.35 -6.55
CA LEU E 72 62.03 -4.97 -7.74
C LEU E 72 61.63 -6.41 -7.47
N GLN E 73 62.36 -7.10 -6.58
CA GLN E 73 62.12 -8.52 -6.36
C GLN E 73 60.87 -8.76 -5.52
N ARG E 74 60.63 -7.91 -4.51
CA ARG E 74 59.39 -8.03 -3.74
C ARG E 74 58.18 -7.65 -4.56
N ILE E 75 58.36 -6.78 -5.57
CA ILE E 75 57.30 -6.53 -6.53
C ILE E 75 56.93 -7.82 -7.26
N VAL E 76 57.95 -8.62 -7.60
CA VAL E 76 57.71 -9.90 -8.26
C VAL E 76 56.95 -10.84 -7.32
N ASP E 77 57.29 -10.82 -6.03
CA ASP E 77 56.63 -11.72 -5.10
C ASP E 77 55.15 -11.41 -4.94
N ILE E 78 54.76 -10.14 -5.07
CA ILE E 78 53.35 -9.77 -4.99
C ILE E 78 52.60 -10.36 -6.18
N LEU E 79 53.18 -10.25 -7.38
CA LEU E 79 52.49 -10.67 -8.60
C LEU E 79 52.18 -12.16 -8.57
N TYR E 80 53.11 -12.97 -8.04
CA TYR E 80 52.96 -14.41 -8.03
C TYR E 80 52.56 -14.94 -6.66
N ALA E 81 52.08 -14.08 -5.77
CA ALA E 81 51.58 -14.52 -4.48
C ALA E 81 50.18 -15.14 -4.63
N THR E 82 49.84 -16.01 -3.69
CA THR E 82 48.57 -16.72 -3.70
C THR E 82 47.54 -15.99 -2.85
N ASP E 83 46.34 -15.85 -3.41
CA ASP E 83 45.22 -15.23 -2.69
C ASP E 83 43.95 -16.00 -3.05
N GLU E 84 43.24 -16.50 -2.04
CA GLU E 84 41.91 -17.06 -2.24
C GLU E 84 41.96 -18.29 -3.16
N GLY E 85 43.01 -19.08 -3.01
CA GLY E 85 43.18 -20.23 -3.88
C GLY E 85 43.43 -19.91 -5.33
N PHE E 86 43.80 -18.66 -5.65
CA PHE E 86 44.14 -18.25 -7.01
C PHE E 86 45.60 -17.83 -7.07
N VAL E 87 46.29 -18.29 -8.12
CA VAL E 87 47.70 -17.94 -8.34
C VAL E 87 47.90 -17.58 -9.81
N ILE E 88 48.86 -16.70 -10.06
CA ILE E 88 49.31 -16.39 -11.40
C ILE E 88 50.49 -17.32 -11.71
N PRO E 89 50.39 -18.19 -12.71
CA PRO E 89 51.48 -19.14 -12.96
C PRO E 89 52.69 -18.47 -13.57
N ASP E 90 53.86 -19.07 -13.35
CA ASP E 90 55.11 -18.56 -13.88
C ASP E 90 55.70 -19.53 -14.90
N LEU F 1 -12.98 -5.06 -32.84
CA LEU F 1 -11.75 -4.71 -33.55
C LEU F 1 -11.32 -5.83 -34.49
N SER F 2 -11.01 -7.00 -33.93
CA SER F 2 -10.67 -8.16 -34.74
C SER F 2 -11.92 -8.69 -35.44
N ASN F 3 -11.78 -8.97 -36.74
CA ASN F 3 -12.90 -9.49 -37.52
C ASN F 3 -13.02 -11.01 -37.47
N GLU F 4 -12.23 -11.66 -36.62
CA GLU F 4 -12.25 -13.11 -36.49
C GLU F 4 -13.27 -13.53 -35.43
N VAL F 5 -14.07 -14.54 -35.77
CA VAL F 5 -15.03 -15.13 -34.84
C VAL F 5 -14.51 -16.52 -34.50
N SER F 6 -13.92 -16.66 -33.32
CA SER F 6 -13.38 -17.93 -32.85
C SER F 6 -14.41 -18.65 -31.97
N THR F 7 -14.27 -19.97 -31.90
CA THR F 7 -15.01 -20.73 -30.92
C THR F 7 -14.35 -20.61 -29.55
N ASP F 8 -15.16 -20.84 -28.50
CA ASP F 8 -14.63 -20.78 -27.15
C ASP F 8 -13.57 -21.84 -26.92
N GLU F 9 -13.74 -23.02 -27.54
CA GLU F 9 -12.75 -24.09 -27.40
C GLU F 9 -11.42 -23.69 -28.02
N ALA F 10 -11.46 -23.10 -29.22
CA ALA F 10 -10.23 -22.73 -29.91
C ALA F 10 -9.48 -21.64 -29.16
N LEU F 11 -10.19 -20.68 -28.58
CA LEU F 11 -9.52 -19.60 -27.86
C LEU F 11 -8.92 -20.09 -26.55
N LEU F 12 -9.59 -21.04 -25.88
CA LEU F 12 -9.04 -21.62 -24.67
C LEU F 12 -7.75 -22.36 -24.95
N LYS F 13 -7.72 -23.17 -26.02
CA LYS F 13 -6.51 -23.89 -26.38
C LYS F 13 -5.38 -22.93 -26.76
N ARG F 14 -5.71 -21.78 -27.35
CA ARG F 14 -4.69 -20.80 -27.67
C ARG F 14 -4.17 -20.11 -26.41
N TYR F 15 -5.07 -19.79 -25.47
CA TYR F 15 -4.63 -19.14 -24.24
C TYR F 15 -3.78 -20.09 -23.39
N ARG F 16 -4.12 -21.38 -23.39
CA ARG F 16 -3.40 -22.34 -22.56
C ARG F 16 -1.97 -22.53 -23.06
N LYS F 17 -1.78 -22.60 -24.39
CA LYS F 17 -0.43 -22.75 -24.91
C LYS F 17 0.38 -21.48 -24.72
N GLU F 18 -0.26 -20.30 -24.82
CA GLU F 18 0.46 -19.06 -24.57
C GLU F 18 0.90 -18.97 -23.12
N ILE F 19 0.05 -19.39 -22.19
CA ILE F 19 0.43 -19.38 -20.78
C ILE F 19 1.57 -20.36 -20.53
N ASP F 21 3.84 -21.26 -22.71
CA ASP F 21 5.05 -20.68 -23.29
C ASP F 21 5.60 -19.56 -22.40
N LEU F 22 4.73 -18.71 -21.87
CA LEU F 22 5.19 -17.61 -21.02
C LEU F 22 5.78 -18.12 -19.72
N LYS F 23 5.17 -19.17 -19.14
CA LYS F 23 5.73 -19.77 -17.93
C LYS F 23 7.10 -20.38 -18.21
N LYS F 24 7.28 -20.96 -19.40
CA LYS F 24 8.57 -21.56 -19.75
C LYS F 24 9.64 -20.51 -19.96
N GLN F 25 9.29 -19.38 -20.59
CA GLN F 25 10.27 -18.32 -20.79
C GLN F 25 10.64 -17.66 -19.46
N LEU F 26 9.67 -17.53 -18.55
CA LEU F 26 9.97 -17.00 -17.23
C LEU F 26 10.88 -17.95 -16.45
N GLU F 27 10.66 -19.27 -16.60
CA GLU F 27 11.52 -20.24 -15.94
C GLU F 27 12.94 -20.17 -16.49
N GLU F 28 13.08 -19.96 -17.81
CA GLU F 28 14.40 -19.89 -18.41
C GLU F 28 15.13 -18.60 -18.03
N VAL F 29 14.43 -17.47 -18.04
CA VAL F 29 15.06 -16.21 -17.69
C VAL F 29 15.47 -16.19 -16.22
N SER F 30 14.62 -16.77 -15.36
CA SER F 30 14.97 -16.83 -13.94
C SER F 30 16.20 -17.71 -13.71
N LEU F 31 16.39 -18.74 -14.54
CA LEU F 31 17.57 -19.58 -14.40
C LEU F 31 18.82 -18.88 -14.91
N GLU F 32 18.70 -18.17 -16.03
CA GLU F 32 19.85 -17.43 -16.57
C GLU F 32 20.27 -16.30 -15.64
N THR F 33 19.30 -15.67 -14.97
CA THR F 33 19.63 -14.65 -13.99
C THR F 33 20.50 -15.21 -12.87
N ARG F 34 20.18 -16.43 -12.41
CA ARG F 34 21.00 -17.08 -11.38
C ARG F 34 22.31 -17.59 -11.96
N ALA F 35 22.31 -18.03 -13.21
CA ALA F 35 23.54 -18.53 -13.81
C ALA F 35 24.56 -17.43 -14.03
N GLN F 36 24.14 -16.34 -14.67
CA GLN F 36 25.07 -15.23 -14.92
C GLN F 36 25.46 -14.51 -13.64
N ALA F 37 24.69 -14.67 -12.56
CA ALA F 37 25.06 -14.06 -11.29
C ALA F 37 26.32 -14.70 -10.71
N GLU F 39 28.49 -16.36 -12.53
CA GLU F 39 29.53 -15.97 -13.48
C GLU F 39 29.99 -14.54 -13.23
N LYS F 40 29.06 -13.66 -12.87
CA LYS F 40 29.44 -12.30 -12.51
C LYS F 40 30.27 -12.28 -11.24
N ASP F 41 30.01 -13.22 -10.31
CA ASP F 41 30.85 -13.34 -9.13
C ASP F 41 32.25 -13.77 -9.49
N GLN F 42 32.41 -14.59 -10.53
CA GLN F 42 33.74 -15.04 -10.94
C GLN F 42 34.58 -13.88 -11.47
N LEU F 43 33.99 -13.03 -12.31
CA LEU F 43 34.73 -11.87 -12.81
C LEU F 43 35.03 -10.88 -11.69
N GLU F 44 34.07 -10.65 -10.78
CA GLU F 44 34.34 -9.82 -9.63
C GLU F 44 35.40 -10.44 -8.73
N LYS F 45 35.41 -11.77 -8.65
CA LYS F 45 36.42 -12.47 -7.89
C LYS F 45 37.80 -12.24 -8.48
N GLU F 46 37.92 -12.33 -9.81
CA GLU F 46 39.20 -12.09 -10.47
C GLU F 46 39.58 -10.61 -10.44
N ARG F 47 38.59 -9.71 -10.45
CA ARG F 47 38.91 -8.29 -10.36
C ARG F 47 39.50 -7.94 -8.99
N ASP F 48 38.87 -8.41 -7.92
CA ASP F 48 39.41 -8.17 -6.59
C ASP F 48 40.75 -8.86 -6.40
N PHE F 49 40.97 -9.98 -7.09
CA PHE F 49 42.26 -10.66 -7.03
C PHE F 49 43.37 -9.77 -7.57
N TYR F 50 43.16 -9.19 -8.75
CA TYR F 50 44.16 -8.29 -9.32
C TYR F 50 44.29 -7.02 -8.50
N PHE F 51 43.18 -6.51 -7.97
CA PHE F 51 43.24 -5.25 -7.21
C PHE F 51 44.04 -5.41 -5.92
N GLY F 52 44.00 -6.59 -5.31
CA GLY F 52 44.81 -6.81 -4.11
C GLY F 52 46.30 -6.66 -4.38
N LYS F 53 46.75 -7.11 -5.55
CA LYS F 53 48.15 -6.98 -5.89
C LYS F 53 48.53 -5.53 -6.17
N LEU F 54 47.70 -4.82 -6.94
CA LEU F 54 47.95 -3.41 -7.22
C LEU F 54 47.98 -2.59 -5.94
N ARG F 55 47.17 -2.95 -4.95
CA ARG F 55 47.16 -2.20 -3.69
C ARG F 55 48.43 -2.45 -2.89
N ASN F 56 48.94 -3.68 -2.92
CA ASN F 56 50.19 -3.98 -2.20
C ASN F 56 51.39 -3.35 -2.89
N ILE F 57 51.36 -3.25 -4.22
CA ILE F 57 52.46 -2.65 -4.96
C ILE F 57 52.51 -1.14 -4.69
N GLU F 58 51.35 -0.51 -4.59
CA GLU F 58 51.31 0.91 -4.24
C GLU F 58 51.92 1.16 -2.87
N LEU F 59 51.66 0.25 -1.92
CA LEU F 59 52.25 0.38 -0.59
C LEU F 59 53.76 0.20 -0.62
N ILE F 60 54.27 -0.63 -1.54
CA ILE F 60 55.72 -0.78 -1.66
C ILE F 60 56.33 0.43 -2.34
N CYS F 61 55.59 1.05 -3.27
CA CYS F 61 56.00 2.34 -3.82
C CYS F 61 55.85 3.46 -2.80
N GLN F 62 55.05 3.24 -1.75
CA GLN F 62 54.82 4.29 -0.75
C GLN F 62 56.07 4.51 0.10
N GLU F 63 56.57 3.47 0.74
CA GLU F 63 57.73 3.57 1.61
C GLU F 63 58.98 4.03 0.84
N ASP F 69 63.71 6.79 -7.38
CA ASP F 69 64.38 6.47 -8.64
C ASP F 69 63.39 6.30 -9.78
N PRO F 70 63.83 6.51 -11.01
CA PRO F 70 62.87 6.52 -12.15
C PRO F 70 62.07 5.24 -12.33
N VAL F 71 62.59 4.08 -11.93
CA VAL F 71 61.93 2.83 -12.32
C VAL F 71 60.59 2.65 -11.58
N LEU F 72 60.56 2.89 -10.26
CA LEU F 72 59.26 2.81 -9.60
C LEU F 72 58.47 4.10 -9.72
N GLN F 73 59.10 5.20 -10.13
CA GLN F 73 58.33 6.34 -10.59
C GLN F 73 57.58 5.99 -11.86
N ARG F 74 58.15 5.11 -12.69
CA ARG F 74 57.43 4.56 -13.82
C ARG F 74 56.34 3.59 -13.36
N ILE F 75 56.53 2.93 -12.22
CA ILE F 75 55.52 2.00 -11.71
C ILE F 75 54.30 2.77 -11.23
N VAL F 76 54.50 3.81 -10.43
CA VAL F 76 53.38 4.60 -9.93
C VAL F 76 52.70 5.33 -11.09
N ASP F 77 53.45 5.65 -12.16
CA ASP F 77 52.83 6.18 -13.36
C ASP F 77 51.82 5.18 -13.93
N ILE F 78 52.24 3.93 -14.11
CA ILE F 78 51.34 2.87 -14.56
C ILE F 78 50.20 2.70 -13.56
N LEU F 79 50.49 2.88 -12.27
CA LEU F 79 49.49 2.67 -11.23
C LEU F 79 48.35 3.68 -11.37
N TYR F 80 48.67 4.95 -11.61
CA TYR F 80 47.67 6.00 -11.74
C TYR F 80 47.46 6.43 -13.19
N ALA F 81 47.91 5.63 -14.16
CA ALA F 81 47.67 5.95 -15.55
C ALA F 81 46.22 5.69 -15.93
N THR F 82 45.86 6.11 -17.14
CA THR F 82 44.52 5.90 -17.69
C THR F 82 44.60 5.03 -18.93
N ASP F 83 43.68 4.06 -19.00
CA ASP F 83 43.53 3.21 -20.18
C ASP F 83 42.08 2.80 -20.28
N GLU F 84 41.56 2.78 -21.51
CA GLU F 84 40.16 2.46 -21.78
C GLU F 84 39.22 3.43 -21.07
N GLY F 85 39.65 4.67 -20.89
CA GLY F 85 38.83 5.67 -20.25
C GLY F 85 38.67 5.53 -18.76
N PHE F 86 39.40 4.62 -18.12
CA PHE F 86 39.31 4.41 -16.68
C PHE F 86 40.53 4.99 -15.98
N VAL F 87 40.36 5.29 -14.69
CA VAL F 87 41.42 5.85 -13.88
C VAL F 87 41.05 5.65 -12.41
N ILE F 88 42.07 5.46 -11.58
CA ILE F 88 41.89 5.35 -10.13
C ILE F 88 42.09 6.73 -9.53
N PRO F 89 41.13 7.28 -8.78
CA PRO F 89 41.22 8.62 -8.21
C PRO F 89 42.38 8.77 -7.22
#